data_4MCH
#
_entry.id   4MCH
#
_cell.length_a   163.975
_cell.length_b   163.975
_cell.length_c   58.355
_cell.angle_alpha   90.000
_cell.angle_beta   90.000
_cell.angle_gamma   120.000
#
_symmetry.space_group_name_H-M   'H 3 2'
#
loop_
_entity.id
_entity.type
_entity.pdbx_description
1 polymer 'Uridine phosphorylase'
2 non-polymer 'SULFATE ION'
3 non-polymer '6-hydroxynaphthalene-1-carboxylic acid'
4 non-polymer 'DIMETHYL SULFOXIDE'
5 water water
#
_entity_poly.entity_id   1
_entity_poly.type   'polypeptide(L)'
_entity_poly.pdbx_seq_one_letter_code
;(MSE)HHHHHHSSGVDLGTENLYFQS(MSE)SKQPHICVDENQVSPYVIVCGEPDRVNRIVEL(MSE)DNVELLAENREY
RVFNGVYKGTTITICSTGIGAPS(MSE)IIAVEELKLCGATHVIRVGSAGA(MSE)QDHIQLGELIVAEGAVRDEGGSKA
YISSAYPAYASFALLKEISHFLENQSVKYYFGVVRSHDSFYTDEEDQLCQYWNKKGILGAD(MSE)ETSALFTVGRLRGL
QVASILNNVVLYQQDVKEGVNQYVNDNKA(MSE)(MSE)NGERLAAITALETLCKQGA
;
_entity_poly.pdbx_strand_id   A
#
loop_
_chem_comp.id
_chem_comp.type
_chem_comp.name
_chem_comp.formula
61N non-polymer '6-hydroxynaphthalene-1-carboxylic acid' 'C11 H8 O3'
DMS non-polymer 'DIMETHYL SULFOXIDE' 'C2 H6 O S'
SO4 non-polymer 'SULFATE ION' 'O4 S -2'
#
# COMPACT_ATOMS: atom_id res chain seq x y z
N LEU A 18 -13.57 -27.47 9.47
CA LEU A 18 -14.12 -26.58 10.54
C LEU A 18 -13.11 -26.37 11.68
N TYR A 19 -12.55 -27.48 12.17
CA TYR A 19 -11.59 -27.45 13.28
C TYR A 19 -10.16 -27.45 12.75
N PHE A 20 -9.93 -28.19 11.66
CA PHE A 20 -8.63 -28.26 10.99
C PHE A 20 -8.23 -26.91 10.38
N GLN A 21 -9.22 -26.10 10.02
CA GLN A 21 -8.96 -24.75 9.51
C GLN A 21 -8.41 -23.82 10.58
N SER A 22 -9.04 -23.81 11.76
CA SER A 22 -8.54 -23.02 12.90
C SER A 22 -7.13 -23.45 13.28
N MSE A 23 -6.79 -24.70 12.96
CA MSE A 23 -5.46 -25.24 13.20
C MSE A 23 -4.48 -24.77 12.15
O MSE A 23 -3.35 -24.42 12.47
CB MSE A 23 -5.56 -26.76 13.16
CG MSE A 23 -4.37 -27.45 13.83
SE MSE A 23 -5.04 -28.92 14.95
CE MSE A 23 -4.74 -28.07 16.70
N SER A 24 -4.92 -24.75 10.89
CA SER A 24 -4.00 -24.54 9.75
C SER A 24 -3.89 -23.09 9.25
N LYS A 25 -4.97 -22.34 9.34
CA LYS A 25 -5.03 -20.99 8.76
C LYS A 25 -4.55 -19.96 9.75
N GLN A 26 -3.95 -18.88 9.24
CA GLN A 26 -3.61 -17.73 10.06
C GLN A 26 -4.92 -17.11 10.57
N PRO A 27 -4.93 -16.65 11.84
CA PRO A 27 -6.21 -16.28 12.48
C PRO A 27 -6.95 -15.02 11.96
N HIS A 28 -6.27 -14.15 11.21
CA HIS A 28 -6.96 -12.98 10.67
C HIS A 28 -7.09 -12.99 9.15
N ILE A 29 -6.01 -13.29 8.45
CA ILE A 29 -6.08 -13.33 6.99
C ILE A 29 -6.67 -14.64 6.49
N CYS A 30 -6.68 -15.64 7.38
CA CYS A 30 -7.43 -16.90 7.18
C CYS A 30 -6.98 -17.69 5.95
N VAL A 31 -5.68 -17.58 5.67
CA VAL A 31 -5.01 -18.39 4.64
C VAL A 31 -3.77 -19.09 5.21
N ASP A 32 -3.23 -20.04 4.46
CA ASP A 32 -2.02 -20.76 4.89
C ASP A 32 -0.88 -20.67 3.88
N GLU A 33 0.25 -21.30 4.21
CA GLU A 33 1.48 -21.22 3.41
C GLU A 33 1.36 -21.87 2.04
N ASN A 34 0.40 -22.79 1.89
CA ASN A 34 0.12 -23.43 0.61
C ASN A 34 -0.63 -22.48 -0.33
N GLN A 35 -1.23 -21.43 0.22
CA GLN A 35 -2.06 -20.51 -0.54
C GLN A 35 -1.35 -19.22 -0.94
N VAL A 36 -0.54 -18.68 -0.04
CA VAL A 36 0.09 -17.37 -0.23
C VAL A 36 1.30 -17.43 -1.14
N SER A 37 1.31 -16.57 -2.16
CA SER A 37 2.48 -16.40 -3.01
C SER A 37 3.58 -15.66 -2.27
N PRO A 38 4.86 -15.88 -2.66
CA PRO A 38 5.93 -15.02 -2.14
C PRO A 38 5.70 -13.54 -2.48
N TYR A 39 4.98 -13.26 -3.57
CA TYR A 39 4.74 -11.90 -4.05
C TYR A 39 3.30 -11.46 -3.73
N VAL A 40 3.19 -10.31 -3.05
CA VAL A 40 1.91 -9.89 -2.48
C VAL A 40 1.69 -8.39 -2.71
N ILE A 41 0.46 -8.03 -3.02
CA ILE A 41 0.01 -6.64 -3.00
C ILE A 41 -0.95 -6.49 -1.83
N VAL A 42 -0.73 -5.45 -1.02
CA VAL A 42 -1.66 -5.12 0.04
C VAL A 42 -2.33 -3.79 -0.25
N CYS A 43 -3.58 -3.67 0.14
CA CYS A 43 -4.31 -2.41 0.01
C CYS A 43 -5.25 -2.23 1.19
N GLY A 44 -5.68 -1.00 1.47
CA GLY A 44 -6.55 -0.80 2.64
C GLY A 44 -7.98 -1.24 2.39
N GLU A 45 -8.48 -0.97 1.19
CA GLU A 45 -9.90 -1.14 0.87
C GLU A 45 -10.22 -2.55 0.34
N PRO A 46 -11.11 -3.30 1.05
CA PRO A 46 -11.49 -4.64 0.56
C PRO A 46 -11.97 -4.64 -0.90
N ASP A 47 -12.83 -3.68 -1.27
CA ASP A 47 -13.34 -3.61 -2.65
C ASP A 47 -12.25 -3.36 -3.71
N ARG A 48 -11.12 -2.77 -3.30
CA ARG A 48 -10.01 -2.58 -4.24
C ARG A 48 -9.43 -3.91 -4.68
N VAL A 49 -9.49 -4.93 -3.83
CA VAL A 49 -8.98 -6.24 -4.21
C VAL A 49 -9.74 -6.77 -5.43
N ASN A 50 -11.07 -6.64 -5.41
CA ASN A 50 -11.89 -7.08 -6.54
C ASN A 50 -11.54 -6.34 -7.83
N ARG A 51 -11.17 -5.07 -7.70
CA ARG A 51 -10.82 -4.26 -8.87
C ARG A 51 -9.45 -4.66 -9.40
N ILE A 52 -8.52 -4.95 -8.49
CA ILE A 52 -7.17 -5.32 -8.89
C ILE A 52 -7.18 -6.66 -9.63
N VAL A 53 -7.96 -7.64 -9.14
CA VAL A 53 -7.93 -8.97 -9.78
C VAL A 53 -8.53 -8.98 -11.18
N GLU A 54 -9.28 -7.94 -11.52
CA GLU A 54 -9.76 -7.79 -12.90
C GLU A 54 -8.62 -7.66 -13.92
N LEU A 55 -7.44 -7.26 -13.45
CA LEU A 55 -6.25 -7.13 -14.27
C LEU A 55 -5.49 -8.46 -14.40
N MSE A 56 -6.00 -9.51 -13.77
CA MSE A 56 -5.26 -10.77 -13.61
C MSE A 56 -6.02 -11.96 -14.14
O MSE A 56 -7.26 -11.92 -14.26
CB MSE A 56 -4.99 -11.00 -12.11
CG MSE A 56 -4.31 -9.81 -11.47
SE MSE A 56 -4.16 -10.10 -9.52
CE MSE A 56 -2.44 -11.05 -9.59
N ASP A 57 -5.29 -13.02 -14.47
CA ASP A 57 -5.86 -14.32 -14.86
C ASP A 57 -5.89 -15.36 -13.74
N ASN A 58 -6.64 -16.44 -13.97
CA ASN A 58 -6.72 -17.56 -13.02
C ASN A 58 -7.00 -17.10 -11.59
N VAL A 59 -7.96 -16.19 -11.44
CA VAL A 59 -8.22 -15.54 -10.16
C VAL A 59 -9.04 -16.46 -9.27
N GLU A 60 -8.69 -16.52 -7.99
CA GLU A 60 -9.47 -17.26 -7.01
C GLU A 60 -9.55 -16.58 -5.65
N LEU A 61 -10.75 -16.62 -5.08
CA LEU A 61 -10.98 -16.10 -3.74
C LEU A 61 -10.38 -17.08 -2.75
N LEU A 62 -9.51 -16.60 -1.86
CA LEU A 62 -8.91 -17.44 -0.83
C LEU A 62 -9.63 -17.32 0.51
N ALA A 63 -9.87 -16.10 0.96
CA ALA A 63 -10.47 -15.88 2.28
C ALA A 63 -11.13 -14.51 2.38
N GLU A 64 -12.13 -14.43 3.26
CA GLU A 64 -12.81 -13.19 3.57
C GLU A 64 -13.09 -13.18 5.06
N ASN A 65 -12.44 -12.28 5.78
CA ASN A 65 -12.57 -12.24 7.23
C ASN A 65 -12.33 -10.84 7.71
N ARG A 66 -13.35 -10.24 8.34
CA ARG A 66 -13.25 -8.86 8.77
C ARG A 66 -12.79 -7.96 7.59
N GLU A 67 -11.80 -7.08 7.80
CA GLU A 67 -11.31 -6.22 6.72
C GLU A 67 -10.32 -6.91 5.78
N TYR A 68 -10.10 -8.21 5.98
CA TYR A 68 -9.10 -8.96 5.21
C TYR A 68 -9.76 -9.78 4.10
N ARG A 69 -9.60 -9.31 2.87
CA ARG A 69 -10.13 -9.99 1.69
C ARG A 69 -8.95 -10.42 0.88
N VAL A 70 -8.84 -11.72 0.63
CA VAL A 70 -7.60 -12.31 0.11
C VAL A 70 -7.88 -13.13 -1.16
N PHE A 71 -7.21 -12.78 -2.25
CA PHE A 71 -7.36 -13.45 -3.54
C PHE A 71 -5.98 -13.77 -4.10
N ASN A 72 -5.89 -14.81 -4.94
CA ASN A 72 -4.74 -15.04 -5.83
C ASN A 72 -5.10 -14.76 -7.29
N GLY A 73 -4.12 -14.31 -8.07
CA GLY A 73 -4.30 -14.19 -9.51
C GLY A 73 -2.97 -14.40 -10.17
N VAL A 74 -2.97 -14.42 -11.49
CA VAL A 74 -1.74 -14.61 -12.23
C VAL A 74 -1.58 -13.42 -13.16
N TYR A 75 -0.37 -12.86 -13.18
CA TYR A 75 -0.03 -11.74 -14.05
C TYR A 75 1.27 -12.04 -14.78
N LYS A 76 1.17 -12.19 -16.11
CA LYS A 76 2.31 -12.56 -16.97
C LYS A 76 3.05 -13.77 -16.40
N GLY A 77 2.26 -14.80 -16.06
CA GLY A 77 2.81 -16.09 -15.64
C GLY A 77 3.20 -16.21 -14.17
N THR A 78 3.09 -15.12 -13.43
CA THR A 78 3.48 -15.11 -12.01
C THR A 78 2.26 -15.05 -11.11
N THR A 79 2.17 -15.96 -10.15
CA THR A 79 1.10 -15.95 -9.16
C THR A 79 1.40 -14.89 -8.08
N ILE A 80 0.43 -14.02 -7.84
CA ILE A 80 0.53 -12.91 -6.89
C ILE A 80 -0.71 -12.88 -6.00
N THR A 81 -0.51 -12.76 -4.69
CA THR A 81 -1.62 -12.70 -3.72
C THR A 81 -1.99 -11.24 -3.51
N ILE A 82 -3.28 -10.95 -3.48
CA ILE A 82 -3.82 -9.61 -3.23
C ILE A 82 -4.60 -9.65 -1.92
N CYS A 83 -4.26 -8.75 -0.98
CA CYS A 83 -4.78 -8.80 0.39
C CYS A 83 -5.15 -7.40 0.87
N SER A 84 -6.41 -7.21 1.24
CA SER A 84 -6.80 -5.96 1.90
C SER A 84 -6.46 -5.99 3.38
N THR A 85 -6.26 -4.81 3.97
CA THR A 85 -5.81 -4.75 5.36
C THR A 85 -6.58 -3.78 6.25
N GLY A 86 -7.59 -3.10 5.71
CA GLY A 86 -8.32 -2.06 6.44
C GLY A 86 -7.47 -0.80 6.60
N ILE A 87 -7.98 0.13 7.41
CA ILE A 87 -7.30 1.40 7.65
C ILE A 87 -6.44 1.31 8.89
N GLY A 88 -5.18 1.72 8.78
CA GLY A 88 -4.37 1.97 9.95
C GLY A 88 -3.26 0.95 10.16
N ALA A 89 -2.21 1.40 10.84
CA ALA A 89 -1.03 0.56 11.12
C ALA A 89 -1.35 -0.78 11.82
N PRO A 90 -2.20 -0.77 12.87
CA PRO A 90 -2.40 -2.05 13.56
C PRO A 90 -2.99 -3.14 12.69
N SER A 91 -3.97 -2.81 11.84
CA SER A 91 -4.53 -3.82 10.94
C SER A 91 -3.53 -4.22 9.81
N MSE A 92 -2.69 -3.30 9.37
CA MSE A 92 -1.63 -3.58 8.38
C MSE A 92 -0.64 -4.55 8.98
O MSE A 92 -0.23 -5.53 8.33
CB MSE A 92 -0.92 -2.28 7.99
CG MSE A 92 0.46 -2.44 7.31
SE MSE A 92 0.30 -3.36 5.56
CE MSE A 92 -0.17 -1.73 4.58
N ILE A 93 -0.23 -4.29 10.20
CA ILE A 93 0.82 -5.09 10.86
C ILE A 93 0.35 -6.54 11.06
N ILE A 94 -0.92 -6.72 11.42
CA ILE A 94 -1.49 -8.08 11.51
C ILE A 94 -1.30 -8.78 10.17
N ALA A 95 -1.64 -8.09 9.09
CA ALA A 95 -1.53 -8.70 7.78
C ALA A 95 -0.09 -9.04 7.41
N VAL A 96 0.83 -8.09 7.66
CA VAL A 96 2.25 -8.28 7.32
C VAL A 96 2.80 -9.53 8.06
N GLU A 97 2.51 -9.62 9.34
CA GLU A 97 3.02 -10.74 10.17
C GLU A 97 2.50 -12.10 9.68
N GLU A 98 1.20 -12.16 9.45
CA GLU A 98 0.57 -13.42 8.99
C GLU A 98 0.99 -13.78 7.55
N LEU A 99 1.12 -12.78 6.66
CA LEU A 99 1.67 -13.01 5.30
C LEU A 99 3.09 -13.56 5.35
N LYS A 100 3.94 -12.95 6.19
CA LYS A 100 5.29 -13.46 6.42
C LYS A 100 5.25 -14.93 6.85
N LEU A 101 4.40 -15.24 7.82
CA LEU A 101 4.27 -16.61 8.29
C LEU A 101 3.84 -17.57 7.18
N CYS A 102 3.13 -17.05 6.18
CA CYS A 102 2.68 -17.84 5.04
C CYS A 102 3.67 -17.90 3.88
N GLY A 103 4.84 -17.29 4.05
CA GLY A 103 5.89 -17.35 3.03
C GLY A 103 6.02 -16.18 2.08
N ALA A 104 5.37 -15.07 2.40
CA ALA A 104 5.56 -13.84 1.62
C ALA A 104 7.04 -13.41 1.70
N THR A 105 7.55 -12.87 0.60
CA THR A 105 8.93 -12.36 0.53
C THR A 105 9.01 -10.94 -0.03
N HIS A 106 8.06 -10.56 -0.88
CA HIS A 106 7.97 -9.24 -1.49
C HIS A 106 6.54 -8.69 -1.32
N VAL A 107 6.41 -7.52 -0.68
CA VAL A 107 5.08 -6.95 -0.45
C VAL A 107 5.06 -5.50 -0.91
N ILE A 108 4.13 -5.17 -1.80
CA ILE A 108 3.92 -3.80 -2.26
C ILE A 108 2.54 -3.31 -1.82
N ARG A 109 2.52 -2.17 -1.12
CA ARG A 109 1.27 -1.48 -0.81
C ARG A 109 0.79 -0.64 -2.02
N VAL A 110 -0.45 -0.88 -2.43
CA VAL A 110 -1.16 -0.05 -3.41
C VAL A 110 -2.23 0.71 -2.60
N GLY A 111 -1.96 1.97 -2.29
CA GLY A 111 -2.80 2.70 -1.32
C GLY A 111 -3.20 4.08 -1.80
N SER A 112 -3.76 4.86 -0.88
CA SER A 112 -4.17 6.25 -1.11
C SER A 112 -3.41 7.15 -0.17
N ALA A 113 -3.26 8.41 -0.59
CA ALA A 113 -2.54 9.43 0.20
C ALA A 113 -3.26 10.76 0.05
N GLY A 114 -3.03 11.65 1.01
CA GLY A 114 -3.47 13.04 0.87
C GLY A 114 -2.20 13.83 0.59
N ALA A 115 -2.23 14.68 -0.45
CA ALA A 115 -1.02 15.43 -0.83
C ALA A 115 -0.63 16.48 0.20
N MSE A 116 0.68 16.65 0.36
CA MSE A 116 1.23 17.61 1.33
C MSE A 116 2.04 18.70 0.61
O MSE A 116 2.73 19.50 1.26
CB MSE A 116 2.08 16.87 2.36
CG MSE A 116 1.25 16.05 3.32
SE MSE A 116 0.19 17.25 4.47
CE MSE A 116 -1.45 16.14 4.40
N GLN A 117 1.94 18.71 -0.72
CA GLN A 117 2.58 19.73 -1.57
C GLN A 117 1.55 20.22 -2.59
N ASP A 118 1.63 21.51 -2.92
CA ASP A 118 0.65 22.19 -3.78
C ASP A 118 0.36 21.59 -5.14
N HIS A 119 1.36 21.12 -5.85
CA HIS A 119 1.11 20.81 -7.27
C HIS A 119 0.93 19.33 -7.58
N ILE A 120 0.57 18.55 -6.57
CA ILE A 120 0.24 17.14 -6.76
C ILE A 120 -1.26 16.99 -7.01
N GLN A 121 -1.62 16.58 -8.22
CA GLN A 121 -3.02 16.51 -8.63
C GLN A 121 -3.62 15.18 -8.21
N LEU A 122 -4.95 15.14 -8.17
CA LEU A 122 -5.68 13.92 -7.85
C LEU A 122 -5.39 12.90 -8.93
N GLY A 123 -5.07 11.67 -8.52
CA GLY A 123 -4.80 10.62 -9.48
C GLY A 123 -3.34 10.57 -9.92
N GLU A 124 -2.54 11.54 -9.48
CA GLU A 124 -1.09 11.42 -9.65
C GLU A 124 -0.56 10.52 -8.55
N LEU A 125 0.59 9.91 -8.79
CA LEU A 125 1.13 8.92 -7.84
C LEU A 125 2.29 9.41 -7.01
N ILE A 126 2.29 8.98 -5.75
CA ILE A 126 3.39 9.20 -4.83
C ILE A 126 4.02 7.84 -4.53
N VAL A 127 5.30 7.72 -4.88
CA VAL A 127 6.08 6.52 -4.55
C VAL A 127 6.92 6.80 -3.30
N ALA A 128 6.61 6.11 -2.22
CA ALA A 128 7.27 6.38 -0.94
C ALA A 128 8.66 5.77 -0.90
N GLU A 129 9.69 6.61 -1.03
CA GLU A 129 11.08 6.14 -0.83
C GLU A 129 11.34 5.90 0.66
N GLY A 130 10.75 6.76 1.47
CA GLY A 130 10.88 6.71 2.92
C GLY A 130 9.61 7.22 3.57
N ALA A 131 9.42 6.91 4.84
CA ALA A 131 8.23 7.34 5.56
C ALA A 131 8.54 7.81 6.98
N VAL A 132 7.90 8.91 7.38
CA VAL A 132 7.94 9.39 8.75
C VAL A 132 7.11 8.43 9.60
N ARG A 133 7.72 7.87 10.63
CA ARG A 133 7.02 6.89 11.48
C ARG A 133 6.20 7.58 12.59
N ASP A 134 5.19 8.33 12.19
CA ASP A 134 4.32 8.99 13.16
C ASP A 134 3.08 8.15 13.50
N GLU A 135 3.21 6.84 13.42
CA GLU A 135 2.14 5.92 13.86
C GLU A 135 2.73 5.03 14.97
N GLY A 136 1.88 4.59 15.88
CA GLY A 136 2.32 3.82 17.06
C GLY A 136 2.73 2.38 16.77
N GLY A 137 2.17 1.79 15.71
CA GLY A 137 2.35 0.37 15.42
C GLY A 137 3.81 -0.05 15.26
N SER A 138 4.56 0.66 14.43
CA SER A 138 5.97 0.34 14.22
C SER A 138 6.75 0.57 15.51
N LYS A 139 6.33 1.57 16.30
CA LYS A 139 7.02 1.87 17.58
C LYS A 139 6.91 0.75 18.63
N ALA A 140 5.90 -0.11 18.51
CA ALA A 140 5.78 -1.29 19.36
C ALA A 140 6.94 -2.27 19.16
N TYR A 141 7.50 -2.25 17.95
CA TYR A 141 8.56 -3.18 17.53
C TYR A 141 9.96 -2.66 17.80
N ILE A 142 10.19 -1.37 17.60
CA ILE A 142 11.56 -0.87 17.55
C ILE A 142 11.55 0.63 17.72
N SER A 143 12.61 1.15 18.33
CA SER A 143 12.84 2.61 18.43
C SER A 143 12.48 3.31 17.13
N SER A 144 11.83 4.47 17.26
CA SER A 144 11.52 5.32 16.11
C SER A 144 12.74 5.71 15.25
N ALA A 145 13.96 5.65 15.81
CA ALA A 145 15.19 6.01 15.06
C ALA A 145 15.50 5.05 13.90
N TYR A 146 14.89 3.87 13.91
CA TYR A 146 15.04 2.88 12.84
C TYR A 146 14.29 3.38 11.58
N PRO A 147 14.94 3.34 10.40
CA PRO A 147 14.38 3.96 9.19
C PRO A 147 13.27 3.13 8.53
N ALA A 148 12.19 3.79 8.14
CA ALA A 148 11.15 3.18 7.31
C ALA A 148 11.47 3.58 5.88
N TYR A 149 11.97 2.64 5.09
CA TYR A 149 12.30 2.99 3.70
C TYR A 149 12.01 1.81 2.74
N ALA A 150 11.87 2.12 1.45
CA ALA A 150 11.49 1.11 0.46
C ALA A 150 12.72 0.39 -0.08
N SER A 151 12.52 -0.87 -0.43
CA SER A 151 13.56 -1.74 -0.99
C SER A 151 14.03 -1.27 -2.39
N PHE A 152 15.35 -1.19 -2.54
CA PHE A 152 15.96 -0.74 -3.77
C PHE A 152 15.52 -1.55 -5.00
N ALA A 153 15.50 -2.88 -4.87
CA ALA A 153 15.14 -3.76 -5.98
C ALA A 153 13.76 -3.39 -6.53
N LEU A 154 12.84 -3.11 -5.61
CA LEU A 154 11.48 -2.78 -5.98
C LEU A 154 11.35 -1.38 -6.58
N LEU A 155 12.02 -0.41 -5.96
CA LEU A 155 12.02 0.96 -6.48
C LEU A 155 12.60 1.05 -7.89
N LYS A 156 13.61 0.26 -8.16
CA LYS A 156 14.24 0.26 -9.48
C LYS A 156 13.21 -0.12 -10.54
N GLU A 157 12.46 -1.20 -10.30
CA GLU A 157 11.45 -1.64 -11.25
C GLU A 157 10.25 -0.68 -11.33
N ILE A 158 9.84 -0.13 -10.18
CA ILE A 158 8.76 0.86 -10.17
C ILE A 158 9.15 2.10 -11.00
N SER A 159 10.39 2.55 -10.84
CA SER A 159 10.87 3.71 -11.57
C SER A 159 10.93 3.43 -13.07
N HIS A 160 11.51 2.29 -13.42
CA HIS A 160 11.64 1.87 -14.81
C HIS A 160 10.28 1.87 -15.50
N PHE A 161 9.26 1.30 -14.82
CA PHE A 161 7.91 1.28 -15.38
C PHE A 161 7.29 2.67 -15.51
N LEU A 162 7.33 3.45 -14.43
CA LEU A 162 6.65 4.76 -14.41
C LEU A 162 7.26 5.81 -15.37
N GLU A 163 8.58 5.76 -15.56
CA GLU A 163 9.24 6.73 -16.43
C GLU A 163 8.86 6.54 -17.90
N ASN A 164 8.32 5.36 -18.22
CA ASN A 164 7.89 5.02 -19.56
C ASN A 164 6.40 5.25 -19.85
N GLN A 165 5.74 6.03 -18.98
CA GLN A 165 4.35 6.46 -19.24
C GLN A 165 4.13 7.94 -18.89
N SER A 166 2.90 8.43 -19.03
CA SER A 166 2.64 9.87 -19.02
C SER A 166 2.05 10.51 -17.75
N VAL A 167 1.45 9.72 -16.86
CA VAL A 167 0.90 10.27 -15.62
C VAL A 167 2.02 10.70 -14.68
N LYS A 168 1.88 11.88 -14.11
CA LYS A 168 2.90 12.43 -13.24
C LYS A 168 3.01 11.61 -11.95
N TYR A 169 4.24 11.42 -11.51
CA TYR A 169 4.53 10.67 -10.28
C TYR A 169 5.73 11.29 -9.57
N TYR A 170 5.78 11.09 -8.26
CA TYR A 170 6.77 11.73 -7.40
C TYR A 170 7.39 10.72 -6.44
N PHE A 171 8.70 10.65 -6.44
CA PHE A 171 9.43 9.83 -5.46
C PHE A 171 9.84 10.71 -4.30
N GLY A 172 9.59 10.24 -3.08
CA GLY A 172 10.08 10.94 -1.90
C GLY A 172 9.48 10.45 -0.60
N VAL A 173 9.34 11.35 0.36
CA VAL A 173 9.00 10.98 1.73
C VAL A 173 7.51 11.17 1.95
N VAL A 174 6.87 10.19 2.58
CA VAL A 174 5.48 10.38 2.98
C VAL A 174 5.45 10.40 4.50
N ARG A 175 4.38 10.91 5.09
CA ARG A 175 4.21 10.83 6.55
C ARG A 175 3.08 9.83 6.84
N SER A 176 3.37 8.82 7.66
CA SER A 176 2.32 7.91 8.14
C SER A 176 1.93 8.22 9.56
N HIS A 177 0.64 8.27 9.83
CA HIS A 177 0.17 8.74 11.13
C HIS A 177 -1.10 7.98 11.57
N ASP A 178 -1.55 8.24 12.80
CA ASP A 178 -2.68 7.50 13.37
C ASP A 178 -3.99 8.30 13.35
N SER A 179 -3.92 9.60 13.05
CA SER A 179 -5.15 10.41 12.96
C SER A 179 -4.95 11.68 12.16
N PHE A 180 -5.86 11.93 11.21
CA PHE A 180 -5.95 13.24 10.54
C PHE A 180 -7.05 14.14 11.09
N TYR A 181 -7.60 13.77 12.25
CA TYR A 181 -8.74 14.46 12.82
C TYR A 181 -8.40 15.21 14.10
N THR A 182 -7.11 15.31 14.44
CA THR A 182 -6.70 16.07 15.64
C THR A 182 -6.86 17.57 15.39
N ASP A 183 -6.98 18.34 16.46
CA ASP A 183 -7.20 19.79 16.33
C ASP A 183 -5.92 20.51 15.87
N GLU A 184 -4.82 19.77 15.82
CA GLU A 184 -3.53 20.30 15.36
C GLU A 184 -3.22 19.95 13.90
N GLU A 185 -4.21 19.38 13.21
CA GLU A 185 -4.05 18.91 11.82
C GLU A 185 -3.48 20.00 10.91
N ASP A 186 -4.00 21.23 11.07
CA ASP A 186 -3.56 22.39 10.31
C ASP A 186 -2.09 22.70 10.54
N GLN A 187 -1.69 22.72 11.81
CA GLN A 187 -0.30 22.98 12.21
C GLN A 187 0.64 21.89 11.66
N LEU A 188 0.21 20.64 11.77
CA LEU A 188 0.96 19.49 11.26
C LEU A 188 1.16 19.55 9.75
N CYS A 189 0.09 19.87 9.02
CA CYS A 189 0.14 19.92 7.56
C CYS A 189 1.15 20.98 7.08
N GLN A 190 1.10 22.18 7.67
CA GLN A 190 2.04 23.25 7.34
C GLN A 190 3.48 22.90 7.71
N TYR A 191 3.68 22.33 8.88
CA TYR A 191 5.02 21.90 9.31
C TYR A 191 5.61 20.89 8.33
N TRP A 192 4.86 19.83 8.05
CA TRP A 192 5.33 18.76 7.17
C TRP A 192 5.48 19.19 5.71
N ASN A 193 4.62 20.10 5.25
CA ASN A 193 4.77 20.72 3.93
C ASN A 193 6.13 21.42 3.78
N LYS A 194 6.51 22.19 4.81
CA LYS A 194 7.80 22.89 4.84
C LYS A 194 9.00 21.94 4.88
N LYS A 195 8.82 20.76 5.46
CA LYS A 195 9.87 19.72 5.47
C LYS A 195 9.96 18.92 4.18
N GLY A 196 9.09 19.23 3.21
CA GLY A 196 9.13 18.61 1.87
C GLY A 196 8.48 17.24 1.73
N ILE A 197 7.66 16.87 2.71
CA ILE A 197 6.87 15.62 2.66
C ILE A 197 5.88 15.71 1.50
N LEU A 198 5.77 14.64 0.71
CA LEU A 198 4.93 14.65 -0.50
C LEU A 198 3.46 14.37 -0.19
N GLY A 199 3.23 13.51 0.78
CA GLY A 199 1.88 13.06 1.06
C GLY A 199 1.81 12.32 2.36
N ALA A 200 0.58 12.10 2.83
CA ALA A 200 0.34 11.42 4.09
C ALA A 200 -0.58 10.21 3.88
N ASP A 201 -0.32 9.14 4.61
CA ASP A 201 -1.22 7.99 4.74
C ASP A 201 -1.20 7.43 6.16
N MSE A 202 -1.80 6.26 6.39
CA MSE A 202 -1.85 5.73 7.75
C MSE A 202 -1.02 4.47 7.94
O MSE A 202 -0.91 3.98 9.07
CB MSE A 202 -3.31 5.65 8.23
CG MSE A 202 -3.91 7.07 8.22
SE MSE A 202 -5.82 7.01 8.71
CE MSE A 202 -5.65 6.63 10.61
N GLU A 203 -0.40 3.93 6.89
CA GLU A 203 0.11 2.56 6.92
C GLU A 203 1.52 2.34 6.38
N THR A 204 2.00 3.22 5.50
CA THR A 204 3.26 2.93 4.76
C THR A 204 4.43 2.68 5.70
N SER A 205 4.61 3.54 6.70
CA SER A 205 5.75 3.38 7.61
C SER A 205 5.70 2.07 8.39
N ALA A 206 4.49 1.57 8.69
CA ALA A 206 4.38 0.31 9.43
C ALA A 206 4.78 -0.86 8.53
N LEU A 207 4.34 -0.84 7.27
CA LEU A 207 4.77 -1.86 6.32
C LEU A 207 6.30 -1.85 6.18
N PHE A 208 6.85 -0.66 6.00
CA PHE A 208 8.29 -0.54 5.79
C PHE A 208 9.10 -1.01 7.01
N THR A 209 8.62 -0.68 8.20
CA THR A 209 9.40 -0.98 9.41
C THR A 209 9.26 -2.44 9.77
N VAL A 210 8.03 -2.90 9.96
CA VAL A 210 7.78 -4.31 10.35
C VAL A 210 8.20 -5.30 9.25
N GLY A 211 7.84 -4.99 8.01
CA GLY A 211 8.24 -5.79 6.87
C GLY A 211 9.75 -5.95 6.78
N ARG A 212 10.50 -4.84 6.91
CA ARG A 212 11.96 -4.95 6.78
C ARG A 212 12.52 -5.80 7.90
N LEU A 213 11.98 -5.60 9.10
CA LEU A 213 12.44 -6.40 10.27
C LEU A 213 12.14 -7.90 10.12
N ARG A 214 11.09 -8.24 9.39
CA ARG A 214 10.76 -9.63 9.09
C ARG A 214 11.44 -10.14 7.81
N GLY A 215 12.36 -9.35 7.26
CA GLY A 215 13.14 -9.76 6.09
C GLY A 215 12.43 -9.67 4.75
N LEU A 216 11.33 -8.90 4.69
CA LEU A 216 10.58 -8.71 3.43
C LEU A 216 11.15 -7.57 2.59
N GLN A 217 11.05 -7.72 1.27
CA GLN A 217 11.26 -6.61 0.34
C GLN A 217 9.93 -5.85 0.32
N VAL A 218 9.99 -4.53 0.46
CA VAL A 218 8.79 -3.71 0.65
C VAL A 218 8.80 -2.45 -0.21
N ALA A 219 7.62 -2.03 -0.66
CA ALA A 219 7.47 -0.76 -1.36
C ALA A 219 6.04 -0.26 -1.21
N SER A 220 5.83 1.00 -1.58
CA SER A 220 4.51 1.59 -1.44
C SER A 220 4.24 2.62 -2.55
N ILE A 221 3.16 2.37 -3.28
CA ILE A 221 2.76 3.23 -4.39
C ILE A 221 1.39 3.81 -4.04
N LEU A 222 1.31 5.14 -3.92
CA LEU A 222 0.10 5.78 -3.40
C LEU A 222 -0.56 6.67 -4.44
N ASN A 223 -1.86 6.44 -4.62
CA ASN A 223 -2.73 7.27 -5.43
C ASN A 223 -3.12 8.52 -4.64
N ASN A 224 -2.85 9.70 -5.19
CA ASN A 224 -3.26 10.92 -4.50
C ASN A 224 -4.77 11.14 -4.58
N VAL A 225 -5.42 11.25 -3.42
CA VAL A 225 -6.87 11.37 -3.35
C VAL A 225 -7.35 12.63 -2.60
N VAL A 226 -6.40 13.47 -2.17
CA VAL A 226 -6.74 14.76 -1.57
C VAL A 226 -5.75 15.81 -2.04
N LEU A 227 -6.26 16.94 -2.53
CA LEU A 227 -5.38 18.08 -2.79
C LEU A 227 -4.86 18.71 -1.50
N TYR A 228 -3.65 19.25 -1.57
CA TYR A 228 -3.05 19.96 -0.42
C TYR A 228 -3.94 21.16 -0.10
N GLN A 229 -4.29 21.91 -1.14
CA GLN A 229 -5.49 22.77 -1.18
C GLN A 229 -5.59 23.52 -2.51
N GLU A 234 -16.58 22.84 -5.80
CA GLU A 234 -16.50 22.33 -7.17
C GLU A 234 -17.83 21.75 -7.64
N GLY A 235 -18.12 21.92 -8.94
CA GLY A 235 -19.37 21.46 -9.52
C GLY A 235 -19.41 19.96 -9.77
N VAL A 236 -20.59 19.47 -10.17
CA VAL A 236 -20.81 18.04 -10.43
C VAL A 236 -19.87 17.52 -11.51
N ASN A 237 -19.59 18.35 -12.50
CA ASN A 237 -18.69 17.98 -13.59
C ASN A 237 -17.26 17.69 -13.12
N GLN A 238 -16.68 18.63 -12.35
CA GLN A 238 -15.36 18.46 -11.77
C GLN A 238 -15.31 17.26 -10.83
N TYR A 239 -16.37 17.06 -10.04
CA TYR A 239 -16.50 15.91 -9.15
C TYR A 239 -16.35 14.59 -9.92
N VAL A 240 -17.05 14.49 -11.06
CA VAL A 240 -16.96 13.29 -11.91
C VAL A 240 -15.56 13.15 -12.53
N ASN A 241 -15.04 14.24 -13.09
CA ASN A 241 -13.68 14.25 -13.63
C ASN A 241 -12.66 13.81 -12.56
N ASP A 242 -12.81 14.30 -11.33
CA ASP A 242 -11.87 13.95 -10.25
C ASP A 242 -11.95 12.47 -9.90
N ASN A 243 -13.17 11.95 -9.82
CA ASN A 243 -13.37 10.53 -9.54
C ASN A 243 -12.69 9.63 -10.59
N LYS A 244 -12.85 9.98 -11.86
CA LYS A 244 -12.19 9.28 -12.96
C LYS A 244 -10.66 9.34 -12.85
N ALA A 245 -10.13 10.52 -12.55
CA ALA A 245 -8.69 10.70 -12.37
C ALA A 245 -8.16 9.77 -11.26
N MSE A 246 -8.88 9.73 -10.14
CA MSE A 246 -8.48 8.88 -9.00
C MSE A 246 -8.60 7.42 -9.39
O MSE A 246 -7.75 6.60 -9.02
CB MSE A 246 -9.32 9.25 -7.77
CG MSE A 246 -8.92 10.65 -7.30
SE MSE A 246 -9.81 11.11 -5.59
CE MSE A 246 -11.65 11.37 -6.25
N MSE A 247 -9.62 7.06 -10.16
CA MSE A 247 -9.75 5.67 -10.60
C MSE A 247 -8.61 5.29 -11.52
O MSE A 247 -8.06 4.20 -11.41
CB MSE A 247 -11.11 5.35 -11.23
CG MSE A 247 -12.13 4.90 -10.18
SE MSE A 247 -11.59 3.26 -9.22
CE MSE A 247 -11.42 4.09 -7.44
N ASN A 248 -8.24 6.20 -12.43
CA ASN A 248 -7.10 5.98 -13.34
C ASN A 248 -5.76 5.83 -12.59
N GLY A 249 -5.58 6.65 -11.57
CA GLY A 249 -4.41 6.58 -10.71
C GLY A 249 -4.32 5.26 -9.96
N GLU A 250 -5.45 4.81 -9.41
CA GLU A 250 -5.49 3.49 -8.73
C GLU A 250 -5.08 2.40 -9.69
N ARG A 251 -5.62 2.45 -10.90
CA ARG A 251 -5.35 1.42 -11.90
C ARG A 251 -3.87 1.42 -12.23
N LEU A 252 -3.31 2.62 -12.44
CA LEU A 252 -1.88 2.76 -12.72
C LEU A 252 -1.03 2.19 -11.60
N ALA A 253 -1.40 2.50 -10.35
CA ALA A 253 -0.65 2.01 -9.18
C ALA A 253 -0.67 0.48 -9.15
N ALA A 254 -1.83 -0.11 -9.37
CA ALA A 254 -1.98 -1.57 -9.35
C ALA A 254 -1.13 -2.21 -10.45
N ILE A 255 -1.23 -1.68 -11.66
CA ILE A 255 -0.44 -2.15 -12.80
C ILE A 255 1.06 -2.07 -12.53
N THR A 256 1.51 -0.95 -11.96
CA THR A 256 2.93 -0.76 -11.63
C THR A 256 3.39 -1.86 -10.66
N ALA A 257 2.58 -2.11 -9.62
CA ALA A 257 2.90 -3.15 -8.62
C ALA A 257 2.96 -4.54 -9.27
N LEU A 258 1.97 -4.82 -10.13
CA LEU A 258 1.90 -6.12 -10.80
C LEU A 258 3.09 -6.33 -11.73
N GLU A 259 3.42 -5.31 -12.52
CA GLU A 259 4.57 -5.35 -13.42
C GLU A 259 5.88 -5.55 -12.67
N THR A 260 6.01 -4.88 -11.52
CA THR A 260 7.18 -5.00 -10.66
C THR A 260 7.30 -6.42 -10.08
N LEU A 261 6.22 -6.95 -9.53
CA LEU A 261 6.27 -8.26 -8.88
C LEU A 261 6.44 -9.45 -9.83
N CYS A 262 5.85 -9.36 -11.02
CA CYS A 262 5.97 -10.46 -11.98
C CYS A 262 7.40 -10.58 -12.53
N LYS A 263 8.21 -9.56 -12.30
CA LYS A 263 9.60 -9.51 -12.76
C LYS A 263 10.61 -9.91 -11.68
N GLN A 264 10.15 -10.56 -10.61
CA GLN A 264 11.02 -10.90 -9.48
C GLN A 264 11.52 -12.33 -9.54
S SO4 B . -5.87 2.96 1.45
O1 SO4 B . -6.86 3.45 0.47
O2 SO4 B . -4.83 3.98 1.73
O3 SO4 B . -6.63 2.66 2.67
O4 SO4 B . -5.18 1.79 0.92
O20 61N C . -10.78 -3.22 -14.68
C11 61N C . -10.11 -2.28 -15.14
O21 61N C . -9.53 -2.38 -16.26
C6 61N C . -9.99 -1.00 -14.37
C10 61N C . -9.30 -0.95 -13.15
C5 61N C . -8.60 -2.06 -12.70
C4 61N C . -8.04 -2.07 -11.43
C3 61N C . -8.18 -0.97 -10.59
O2 61N C . -7.61 -1.02 -9.36
C2 61N C . -8.87 0.16 -11.03
C1 61N C . -9.44 0.17 -12.31
C8 61N C . -10.13 1.30 -12.77
C7 61N C . -10.70 1.30 -14.04
C9 61N C . -10.55 0.18 -14.87
S DMS D . 10.59 12.67 -9.22
O DMS D . 10.11 12.54 -7.83
C1 DMS D . 10.33 11.20 -10.05
C2 DMS D . 9.53 13.69 -10.09
S DMS E . -2.07 -11.21 -17.90
O DMS E . -0.85 -11.92 -17.47
C1 DMS E . -2.93 -10.65 -16.55
C2 DMS E . -1.66 -9.75 -18.66
S DMS F . 6.22 11.73 -17.60
O DMS F . 5.57 11.26 -16.36
C1 DMS F . 6.82 13.30 -17.34
C2 DMS F . 7.67 10.87 -17.85
S DMS G . 9.79 -1.48 22.00
O DMS G . 10.65 -0.76 21.04
C1 DMS G . 10.71 -1.90 23.38
C2 DMS G . 8.67 -0.39 22.71
S DMS H . -16.05 -11.04 -2.20
O DMS H . -15.10 -10.18 -2.95
C1 DMS H . -15.24 -11.87 -0.95
C2 DMS H . -17.08 -10.04 -1.26
S DMS I . 5.25 -17.97 -8.71
O DMS I . 4.17 -17.80 -9.71
C1 DMS I . 6.64 -17.12 -9.24
C2 DMS I . 4.91 -17.14 -7.28
S DMS J . 1.52 -20.03 -4.60
O DMS J . 0.56 -19.02 -4.10
C1 DMS J . 2.84 -19.28 -5.39
C2 DMS J . 2.32 -20.76 -3.30
S DMS K . 15.96 -8.84 9.21
O DMS K . 16.74 -7.73 8.65
C1 DMS K . 16.17 -10.24 8.24
C2 DMS K . 16.68 -9.38 10.66
S DMS L . -17.89 22.61 -13.36
O DMS L . -17.63 21.45 -12.47
C1 DMS L . -17.07 22.39 -14.84
C2 DMS L . -19.51 22.59 -13.88
S DMS M . 5.86 18.26 -5.55
O DMS M . 6.26 19.42 -4.74
C1 DMS M . 4.89 18.80 -6.86
C2 DMS M . 7.22 17.68 -6.41
S DMS N . -19.48 19.60 -19.45
O DMS N . -19.73 20.61 -18.41
C1 DMS N . -20.66 18.38 -19.35
C2 DMS N . -19.86 20.26 -20.98
S DMS O . -8.74 5.75 3.86
O DMS O . -7.83 6.18 2.77
C1 DMS O . -8.43 6.70 5.25
C2 DMS O . -10.31 6.25 3.43
S DMS P . 5.03 19.85 14.98
O DMS P . 4.50 19.22 13.76
C1 DMS P . 6.70 19.49 15.14
C2 DMS P . 5.11 21.54 14.75
S DMS Q . -6.24 9.63 3.62
O DMS Q . -5.24 8.94 4.48
C1 DMS Q . -6.00 11.32 3.62
C2 DMS Q . -5.91 9.27 1.99
#